data_2RD4
#
_entry.id   2RD4
#
_cell.length_a   65.540
_cell.length_b   65.540
_cell.length_c   58.551
_cell.angle_alpha   90.00
_cell.angle_beta   90.00
_cell.angle_gamma   90.00
#
_symmetry.space_group_name_H-M   'P 41'
#
loop_
_entity.id
_entity.type
_entity.pdbx_description
1 polymer 'Phospholipase A2 isoform 1'
2 polymer 'Phospholipase A2 isoform 2'
3 polymer 'pentapeptide inhibitor'
4 non-polymer 'CALCIUM ION'
5 water water
#
loop_
_entity_poly.entity_id
_entity_poly.type
_entity_poly.pdbx_seq_one_letter_code
_entity_poly.pdbx_strand_id
1 'polypeptide(L)'
;NTYQFKNMIQCTVPKRSWWDFADYGCYCGRGGSGTPIDDLDRCCQVHDNCYNSAREQGGCRPKQKTYSYECKAGTLSCSG
SNNSCAATVCDCDRLAAICFAGAPYNDNNYNIDLKARCQ
;
A
2 'polypeptide(L)'
;NRWQFKNMISCTVPSRSWWDFADYGCYCGRGGSGTPVDDLDRCCQVHDNCYNEAEKISGCNPRFRTYSYECTAGTLTCTG
RNNACAASVCDCDRLAAICFAGAPYNDNNYNIDLQARCN
;
B
3 'polypeptide(L)' LVFFA C
#
# COMPACT_ATOMS: atom_id res chain seq x y z
N ASN A 1 -0.44 10.93 10.49
CA ASN A 1 0.57 10.04 9.83
C ASN A 1 0.54 8.66 10.45
N THR A 2 1.21 7.71 9.79
CA THR A 2 1.21 6.35 10.29
C THR A 2 1.87 6.19 11.66
N TYR A 3 2.74 7.11 12.04
CA TYR A 3 3.36 7.02 13.37
C TYR A 3 2.25 7.23 14.39
N GLN A 4 1.29 8.07 14.04
CA GLN A 4 0.17 8.36 14.92
C GLN A 4 -0.80 7.20 14.91
N PHE A 5 -1.15 6.71 13.71
CA PHE A 5 -2.07 5.58 13.62
C PHE A 5 -1.52 4.39 14.38
N LYS A 6 -0.19 4.29 14.40
CA LYS A 6 0.49 3.21 15.09
C LYS A 6 0.36 3.40 16.59
N ASN A 7 0.14 4.64 17.01
CA ASN A 7 -0.02 4.93 18.43
C ASN A 7 -1.46 4.68 18.90
N MET A 8 -2.44 4.89 18.03
CA MET A 8 -3.84 4.65 18.36
C MET A 8 -4.05 3.17 18.58
N ILE A 9 -3.39 2.35 17.76
CA ILE A 9 -3.48 0.90 17.87
C ILE A 9 -2.84 0.48 19.18
N GLN A 10 -1.60 0.92 19.41
CA GLN A 10 -0.86 0.61 20.64
C GLN A 10 -1.67 0.96 21.87
N CYS A 11 -2.60 1.88 21.68
CA CYS A 11 -3.46 2.38 22.73
C CYS A 11 -4.71 1.55 22.96
N THR A 12 -5.38 1.13 21.89
CA THR A 12 -6.61 0.33 22.00
C THR A 12 -6.40 -1.18 22.01
N VAL A 13 -5.23 -1.63 21.58
CA VAL A 13 -4.89 -3.05 21.52
C VAL A 13 -3.47 -3.25 22.07
N PRO A 14 -3.22 -2.80 23.31
CA PRO A 14 -1.91 -2.92 23.93
C PRO A 14 -1.25 -4.29 23.99
N LYS A 15 -2.01 -5.35 23.83
CA LYS A 15 -1.40 -6.68 23.90
C LYS A 15 -0.78 -7.12 22.59
N ARG A 16 -0.86 -6.28 21.56
CA ARG A 16 -0.31 -6.68 20.26
C ARG A 16 0.63 -5.71 19.57
N SER A 17 1.73 -6.26 19.04
CA SER A 17 2.68 -5.46 18.29
C SER A 17 1.93 -4.92 17.10
N TRP A 18 2.29 -3.74 16.63
CA TRP A 18 1.61 -3.19 15.48
C TRP A 18 1.86 -4.06 14.23
N TRP A 19 3.01 -4.74 14.19
CA TRP A 19 3.33 -5.61 13.06
C TRP A 19 2.27 -6.70 12.86
N ASP A 20 1.64 -7.13 13.96
CA ASP A 20 0.59 -8.14 13.90
C ASP A 20 -0.51 -7.75 12.89
N PHE A 21 -0.62 -6.46 12.61
CA PHE A 21 -1.65 -5.97 11.69
C PHE A 21 -1.12 -5.47 10.37
N ALA A 22 0.21 -5.45 10.23
CA ALA A 22 0.84 -4.95 9.01
C ALA A 22 0.85 -5.93 7.86
N ASP A 23 0.49 -7.17 8.15
CA ASP A 23 0.53 -8.18 7.13
C ASP A 23 -0.53 -9.25 7.39
N TYR A 24 -1.71 -8.81 7.79
CA TYR A 24 -2.80 -9.72 8.13
C TYR A 24 -3.94 -9.71 7.14
N GLY A 25 -4.34 -10.91 6.69
CA GLY A 25 -5.43 -11.03 5.76
C GLY A 25 -5.15 -10.47 4.39
N CYS A 26 -6.20 -10.14 3.64
CA CYS A 26 -6.02 -9.58 2.30
C CYS A 26 -5.94 -8.05 2.29
N TYR A 27 -6.40 -7.37 3.34
CA TYR A 27 -6.37 -5.91 3.36
C TYR A 27 -5.53 -5.14 4.35
N CYS A 28 -5.12 -5.75 5.47
CA CYS A 28 -4.34 -5.03 6.47
C CYS A 28 -2.93 -4.62 6.10
N GLY A 29 -2.54 -4.81 4.85
CA GLY A 29 -1.21 -4.40 4.43
C GLY A 29 -1.00 -4.55 2.94
N ARG A 30 -0.45 -5.70 2.56
CA ARG A 30 -0.17 -6.07 1.17
C ARG A 30 -1.42 -6.69 0.55
N GLY A 31 -1.57 -6.54 -0.77
CA GLY A 31 -2.71 -7.13 -1.46
C GLY A 31 -3.86 -6.21 -1.83
N GLY A 32 -4.46 -5.59 -0.83
CA GLY A 32 -5.56 -4.66 -1.02
C GLY A 32 -6.63 -5.04 -2.03
N SER A 33 -7.04 -6.30 -2.05
CA SER A 33 -8.07 -6.70 -2.99
C SER A 33 -8.55 -8.12 -2.73
N GLY A 34 -9.84 -8.36 -2.98
CA GLY A 34 -10.41 -9.67 -2.75
C GLY A 34 -11.45 -9.62 -1.66
N THR A 35 -11.74 -10.77 -1.09
CA THR A 35 -12.73 -10.86 -0.02
C THR A 35 -12.07 -10.96 1.37
N PRO A 36 -12.45 -10.06 2.28
CA PRO A 36 -11.92 -10.03 3.65
C PRO A 36 -11.98 -11.41 4.30
N ILE A 37 -10.85 -11.92 4.76
CA ILE A 37 -10.85 -13.25 5.36
C ILE A 37 -11.64 -13.36 6.67
N ASP A 38 -11.70 -12.27 7.45
CA ASP A 38 -12.46 -12.29 8.68
C ASP A 38 -12.82 -10.92 9.24
N ASP A 39 -13.52 -10.90 10.38
CA ASP A 39 -13.94 -9.65 10.98
C ASP A 39 -12.88 -8.58 11.10
N LEU A 40 -11.62 -8.99 11.28
CA LEU A 40 -10.51 -8.05 11.40
C LEU A 40 -10.04 -7.54 10.06
N ASP A 41 -10.00 -8.43 9.07
CA ASP A 41 -9.55 -8.05 7.73
C ASP A 41 -10.54 -7.04 7.15
N ARG A 42 -11.79 -7.15 7.57
CA ARG A 42 -12.82 -6.23 7.10
C ARG A 42 -12.60 -4.83 7.67
N CYS A 43 -11.99 -4.76 8.86
CA CYS A 43 -11.70 -3.47 9.49
C CYS A 43 -10.71 -2.71 8.63
N CYS A 44 -9.69 -3.42 8.14
CA CYS A 44 -8.68 -2.80 7.32
C CYS A 44 -9.24 -2.40 5.94
N GLN A 45 -10.13 -3.21 5.39
CA GLN A 45 -10.73 -2.88 4.11
C GLN A 45 -11.49 -1.57 4.22
N VAL A 46 -12.17 -1.37 5.34
CA VAL A 46 -12.94 -0.16 5.56
C VAL A 46 -11.99 1.01 5.76
N HIS A 47 -10.82 0.69 6.31
CA HIS A 47 -9.82 1.72 6.57
C HIS A 47 -9.26 2.17 5.22
N ASP A 48 -9.07 1.22 4.32
CA ASP A 48 -8.57 1.49 3.00
C ASP A 48 -9.56 2.37 2.24
N ASN A 49 -10.84 2.04 2.26
CA ASN A 49 -11.85 2.86 1.59
C ASN A 49 -11.78 4.27 2.18
N CYS A 50 -11.77 4.34 3.49
CA CYS A 50 -11.72 5.60 4.22
C CYS A 50 -10.59 6.52 3.76
N TYR A 51 -9.46 5.94 3.38
CA TYR A 51 -8.32 6.74 2.96
C TYR A 51 -8.50 7.25 1.54
N ASN A 52 -9.22 6.50 0.72
CA ASN A 52 -9.45 6.90 -0.65
C ASN A 52 -10.38 8.09 -0.67
N SER A 53 -11.41 8.05 0.17
CA SER A 53 -12.33 9.17 0.24
C SER A 53 -11.54 10.38 0.71
N ALA A 54 -10.74 10.22 1.76
CA ALA A 54 -9.95 11.33 2.28
C ALA A 54 -8.90 11.82 1.29
N ARG A 55 -8.47 10.95 0.37
CA ARG A 55 -7.46 11.32 -0.62
C ARG A 55 -8.04 12.26 -1.67
N GLU A 56 -9.34 12.50 -1.61
CA GLU A 56 -10.02 13.39 -2.57
C GLU A 56 -9.74 14.88 -2.38
N GLN A 57 -9.48 15.32 -1.14
CA GLN A 57 -9.17 16.73 -0.87
C GLN A 57 -7.76 17.04 -1.34
N GLY A 58 -7.61 18.06 -2.17
CA GLY A 58 -6.30 18.42 -2.67
C GLY A 58 -5.20 18.51 -1.62
N GLY A 59 -4.08 17.82 -1.88
CA GLY A 59 -2.97 17.86 -0.95
C GLY A 59 -3.06 16.88 0.20
N CYS A 60 -4.29 16.46 0.51
CA CYS A 60 -4.55 15.50 1.60
C CYS A 60 -3.91 14.15 1.32
N ARG A 61 -2.83 13.85 2.03
CA ARG A 61 -2.12 12.58 1.87
C ARG A 61 -2.10 11.86 3.22
N PRO A 62 -3.13 11.03 3.48
CA PRO A 62 -3.34 10.23 4.70
C PRO A 62 -2.12 9.70 5.43
N LYS A 63 -1.23 9.01 4.72
CA LYS A 63 -0.02 8.44 5.35
C LYS A 63 0.93 9.51 5.87
N GLN A 64 0.90 10.70 5.28
CA GLN A 64 1.82 11.76 5.67
C GLN A 64 1.20 12.97 6.39
N LYS A 65 -0.11 13.00 6.56
CA LYS A 65 -0.79 14.11 7.23
C LYS A 65 -0.88 13.94 8.74
N THR A 66 -0.37 14.92 9.48
CA THR A 66 -0.38 14.87 10.94
C THR A 66 -1.65 15.50 11.49
N TYR A 67 -2.25 14.88 12.49
CA TYR A 67 -3.47 15.42 13.09
C TYR A 67 -3.37 15.52 14.60
N SER A 68 -4.47 15.90 15.24
CA SER A 68 -4.51 16.06 16.69
C SER A 68 -5.37 15.00 17.36
N TYR A 69 -4.74 14.03 18.00
CA TYR A 69 -5.51 12.99 18.67
C TYR A 69 -5.03 12.88 20.11
N GLU A 70 -5.84 12.24 20.93
CA GLU A 70 -5.51 12.07 22.32
C GLU A 70 -5.98 10.69 22.69
N CYS A 71 -5.11 9.92 23.33
CA CYS A 71 -5.46 8.59 23.74
C CYS A 71 -5.37 8.54 25.26
N LYS A 72 -6.52 8.40 25.90
CA LYS A 72 -6.61 8.35 27.35
C LYS A 72 -7.60 7.27 27.77
N ALA A 73 -7.11 6.26 28.49
CA ALA A 73 -7.94 5.16 28.99
C ALA A 73 -8.33 4.06 28.00
N GLY A 74 -8.06 4.28 26.72
CA GLY A 74 -8.41 3.29 25.71
C GLY A 74 -9.44 3.97 24.84
N THR A 75 -9.74 5.21 25.22
CA THR A 75 -10.70 6.04 24.52
C THR A 75 -9.91 7.00 23.64
N LEU A 76 -10.04 6.87 22.32
CA LEU A 76 -9.35 7.74 21.39
C LEU A 76 -10.23 8.94 21.16
N SER A 77 -9.66 10.01 20.61
CA SER A 77 -10.43 11.21 20.33
C SER A 77 -9.66 12.13 19.39
N CYS A 78 -10.28 12.52 18.29
CA CYS A 78 -9.64 13.45 17.36
C CYS A 78 -10.16 14.79 17.86
N SER A 79 -9.25 15.71 18.19
CA SER A 79 -9.66 17.00 18.71
C SER A 79 -10.18 17.93 17.62
N GLY A 80 -11.04 18.87 18.01
CA GLY A 80 -11.59 19.80 17.06
C GLY A 80 -10.61 20.85 16.55
N SER A 81 -9.34 20.47 16.43
CA SER A 81 -8.33 21.39 15.94
C SER A 81 -7.98 21.06 14.50
N ASN A 82 -7.94 19.78 14.20
CA ASN A 82 -7.62 19.31 12.85
C ASN A 82 -8.46 20.03 11.79
N ASN A 83 -7.87 20.20 10.59
CA ASN A 83 -8.58 20.85 9.47
C ASN A 83 -9.32 19.77 8.70
N SER A 84 -9.96 20.15 7.60
CA SER A 84 -10.72 19.19 6.82
C SER A 84 -10.05 17.85 6.64
N CYS A 85 -8.87 17.85 6.01
CA CYS A 85 -8.12 16.62 5.77
C CYS A 85 -7.80 15.95 7.10
N ALA A 86 -7.02 16.65 7.92
CA ALA A 86 -6.61 16.16 9.23
C ALA A 86 -7.80 15.59 10.00
N ALA A 87 -8.94 16.25 9.92
CA ALA A 87 -10.13 15.79 10.62
C ALA A 87 -10.69 14.49 10.05
N THR A 88 -10.50 14.26 8.76
CA THR A 88 -11.01 13.07 8.11
C THR A 88 -10.08 11.88 8.26
N VAL A 89 -8.79 12.10 8.00
CA VAL A 89 -7.80 11.05 8.12
C VAL A 89 -7.78 10.57 9.54
N CYS A 90 -7.98 11.47 10.50
CA CYS A 90 -7.97 11.06 11.89
C CYS A 90 -9.13 10.14 12.20
N ASP A 91 -10.34 10.56 11.83
CA ASP A 91 -11.52 9.75 12.10
C ASP A 91 -11.39 8.37 11.47
N CYS A 92 -10.62 8.26 10.40
CA CYS A 92 -10.42 6.97 9.74
C CYS A 92 -9.61 6.05 10.64
N ASP A 93 -8.48 6.56 11.14
CA ASP A 93 -7.61 5.77 12.02
C ASP A 93 -8.37 5.38 13.29
N ARG A 94 -8.99 6.36 13.92
CA ARG A 94 -9.74 6.13 15.14
C ARG A 94 -10.69 4.96 15.01
N LEU A 95 -11.56 4.98 14.00
CA LEU A 95 -12.53 3.91 13.81
C LEU A 95 -11.84 2.59 13.49
N ALA A 96 -10.66 2.64 12.88
CA ALA A 96 -9.96 1.39 12.57
C ALA A 96 -9.35 0.86 13.87
N ALA A 97 -8.75 1.78 14.64
CA ALA A 97 -8.11 1.43 15.90
C ALA A 97 -9.09 0.72 16.82
N ILE A 98 -10.32 1.22 16.92
CA ILE A 98 -11.36 0.61 17.76
C ILE A 98 -11.65 -0.78 17.20
N CYS A 99 -12.06 -0.79 15.93
CA CYS A 99 -12.40 -2.01 15.20
C CYS A 99 -11.41 -3.11 15.51
N PHE A 100 -10.12 -2.78 15.41
CA PHE A 100 -9.07 -3.74 15.66
C PHE A 100 -9.20 -4.32 17.05
N ALA A 101 -9.61 -3.50 18.00
CA ALA A 101 -9.75 -3.93 19.39
C ALA A 101 -10.97 -4.84 19.62
N GLY A 102 -11.93 -4.80 18.72
CA GLY A 102 -13.11 -5.61 18.88
C GLY A 102 -13.24 -6.78 17.93
N ALA A 103 -12.30 -6.91 17.00
CA ALA A 103 -12.35 -8.01 16.05
C ALA A 103 -11.37 -9.09 16.47
N PRO A 104 -11.82 -10.35 16.48
CA PRO A 104 -10.98 -11.49 16.86
C PRO A 104 -9.72 -11.52 16.00
N TYR A 105 -8.64 -12.09 16.52
CA TYR A 105 -7.38 -12.15 15.78
C TYR A 105 -7.05 -13.60 15.48
N ASN A 106 -6.83 -13.90 14.22
CA ASN A 106 -6.51 -15.27 13.85
C ASN A 106 -5.06 -15.33 13.35
N ASP A 107 -4.24 -16.12 14.03
CA ASP A 107 -2.84 -16.27 13.63
C ASP A 107 -2.82 -16.90 12.25
N ASN A 108 -3.73 -17.84 12.03
CA ASN A 108 -3.81 -18.54 10.75
C ASN A 108 -3.98 -17.58 9.58
N ASN A 109 -4.43 -16.37 9.86
CA ASN A 109 -4.65 -15.38 8.83
C ASN A 109 -3.58 -14.32 8.77
N TYR A 110 -2.41 -14.66 9.28
CA TYR A 110 -1.30 -13.73 9.28
C TYR A 110 -0.32 -14.14 8.21
N ASN A 111 0.11 -13.19 7.40
CA ASN A 111 1.10 -13.47 6.36
C ASN A 111 0.63 -14.64 5.49
N ILE A 112 -0.60 -14.56 5.01
CA ILE A 112 -1.16 -15.62 4.16
C ILE A 112 -0.69 -15.50 2.72
N ASP A 113 -0.89 -16.56 1.96
CA ASP A 113 -0.52 -16.60 0.55
C ASP A 113 -1.48 -15.70 -0.25
N LEU A 114 -1.15 -14.41 -0.34
CA LEU A 114 -2.01 -13.47 -1.07
C LEU A 114 -2.47 -13.97 -2.44
N LYS A 115 -1.55 -14.54 -3.22
CA LYS A 115 -1.88 -15.03 -4.56
C LYS A 115 -2.96 -16.11 -4.66
N ALA A 116 -3.07 -16.96 -3.64
CA ALA A 116 -4.03 -18.03 -3.68
C ALA A 116 -5.25 -17.80 -2.81
N ARG A 117 -5.27 -16.70 -2.06
CA ARG A 117 -6.40 -16.43 -1.18
C ARG A 117 -7.05 -15.07 -1.31
N CYS A 118 -6.61 -14.24 -2.23
CA CYS A 118 -7.23 -12.93 -2.38
C CYS A 118 -7.62 -12.62 -3.82
N GLN A 119 -7.92 -13.65 -4.59
CA GLN A 119 -8.33 -13.42 -5.95
C GLN A 119 -9.85 -13.36 -5.95
N ASN B 1 -3.06 3.82 -14.00
CA ASN B 1 -3.67 3.33 -12.73
C ASN B 1 -3.14 1.94 -12.38
N ARG B 2 -3.30 1.56 -11.12
CA ARG B 2 -2.87 0.26 -10.60
C ARG B 2 -3.02 -0.89 -11.60
N TRP B 3 -4.17 -0.96 -12.26
CA TRP B 3 -4.47 -2.01 -13.22
C TRP B 3 -3.51 -2.02 -14.40
N GLN B 4 -3.19 -0.83 -14.91
CA GLN B 4 -2.28 -0.68 -16.04
C GLN B 4 -0.88 -1.16 -15.70
N PHE B 5 -0.45 -0.89 -14.47
CA PHE B 5 0.86 -1.31 -14.01
C PHE B 5 0.94 -2.83 -14.00
N LYS B 6 -0.20 -3.49 -13.90
CA LYS B 6 -0.23 -4.95 -13.92
C LYS B 6 0.01 -5.44 -15.33
N ASN B 7 -0.52 -4.71 -16.30
CA ASN B 7 -0.34 -5.08 -17.70
C ASN B 7 1.08 -4.81 -18.16
N MET B 8 1.74 -3.82 -17.56
CA MET B 8 3.11 -3.54 -17.94
C MET B 8 3.95 -4.71 -17.47
N ILE B 9 3.65 -5.23 -16.27
CA ILE B 9 4.41 -6.36 -15.76
C ILE B 9 4.11 -7.57 -16.63
N SER B 10 2.87 -7.62 -17.12
CA SER B 10 2.44 -8.71 -17.97
C SER B 10 3.16 -8.61 -19.32
N CYS B 11 3.44 -7.37 -19.73
CA CYS B 11 4.11 -7.10 -21.00
C CYS B 11 5.60 -7.40 -21.02
N THR B 12 6.25 -7.36 -19.87
CA THR B 12 7.70 -7.59 -19.80
C THR B 12 8.13 -8.87 -19.11
N VAL B 13 7.21 -9.47 -18.37
CA VAL B 13 7.50 -10.72 -17.68
C VAL B 13 6.26 -11.60 -17.87
N PRO B 14 5.93 -11.91 -19.14
CA PRO B 14 4.76 -12.73 -19.50
C PRO B 14 4.67 -14.08 -18.82
N SER B 15 5.77 -14.55 -18.24
CA SER B 15 5.74 -15.86 -17.58
C SER B 15 5.35 -15.72 -16.11
N ARG B 16 5.11 -14.50 -15.67
CA ARG B 16 4.76 -14.26 -14.28
C ARG B 16 3.55 -13.37 -14.04
N SER B 17 2.64 -13.86 -13.20
CA SER B 17 1.44 -13.12 -12.84
C SER B 17 1.93 -11.89 -12.09
N TRP B 18 1.08 -10.91 -11.88
CA TRP B 18 1.51 -9.74 -11.14
C TRP B 18 1.51 -10.03 -9.64
N TRP B 19 0.89 -11.15 -9.25
CA TRP B 19 0.83 -11.54 -7.84
C TRP B 19 2.18 -11.96 -7.26
N ASP B 20 3.15 -12.26 -8.11
CA ASP B 20 4.47 -12.68 -7.65
C ASP B 20 5.28 -11.48 -7.18
N PHE B 21 4.77 -10.30 -7.49
CA PHE B 21 5.42 -9.06 -7.12
C PHE B 21 4.60 -8.36 -6.05
N ALA B 22 3.36 -8.80 -5.89
CA ALA B 22 2.45 -8.23 -4.91
C ALA B 22 3.05 -8.16 -3.52
N ASP B 23 3.65 -9.25 -3.07
CA ASP B 23 4.24 -9.25 -1.75
C ASP B 23 5.57 -10.02 -1.75
N TYR B 24 6.62 -9.33 -2.19
CA TYR B 24 7.95 -9.89 -2.29
C TYR B 24 8.95 -8.90 -1.71
N GLY B 25 9.89 -9.41 -0.89
CA GLY B 25 10.91 -8.56 -0.30
C GLY B 25 10.33 -7.61 0.73
N CYS B 26 11.02 -6.50 0.98
CA CYS B 26 10.50 -5.53 1.93
C CYS B 26 9.80 -4.40 1.21
N TYR B 27 9.97 -4.35 -0.12
CA TYR B 27 9.34 -3.29 -0.90
C TYR B 27 8.24 -3.66 -1.88
N CYS B 28 8.45 -4.63 -2.77
CA CYS B 28 7.39 -4.96 -3.72
C CYS B 28 6.07 -5.24 -3.00
N GLY B 29 5.07 -4.42 -3.31
CA GLY B 29 3.76 -4.55 -2.67
C GLY B 29 3.64 -3.36 -1.76
N ARG B 30 2.46 -3.07 -1.22
CA ARG B 30 2.26 -1.90 -0.35
C ARG B 30 3.41 -1.53 0.60
N GLY B 31 3.33 -0.34 1.16
CA GLY B 31 4.33 0.14 2.11
C GLY B 31 5.77 -0.19 1.76
N GLY B 32 6.62 -0.33 2.77
CA GLY B 32 8.01 -0.65 2.49
C GLY B 32 8.94 -0.02 3.49
N SER B 33 9.87 -0.81 4.00
CA SER B 33 10.81 -0.32 4.99
C SER B 33 11.99 -1.27 5.10
N GLY B 34 13.09 -0.80 5.67
CA GLY B 34 14.24 -1.66 5.83
C GLY B 34 15.17 -1.72 4.64
N THR B 35 15.98 -2.78 4.59
CA THR B 35 16.94 -2.97 3.53
C THR B 35 16.48 -4.00 2.50
N PRO B 36 16.42 -3.60 1.23
CA PRO B 36 15.99 -4.47 0.14
C PRO B 36 16.71 -5.81 0.18
N VAL B 37 15.95 -6.90 0.17
CA VAL B 37 16.55 -8.22 0.23
C VAL B 37 17.42 -8.51 -0.99
N ASP B 38 17.02 -8.07 -2.18
CA ASP B 38 17.83 -8.31 -3.36
C ASP B 38 17.68 -7.26 -4.45
N ASP B 39 17.97 -7.62 -5.70
CA ASP B 39 17.87 -6.67 -6.82
C ASP B 39 16.43 -6.35 -7.17
N LEU B 40 15.59 -7.37 -7.20
CA LEU B 40 14.17 -7.21 -7.51
C LEU B 40 13.51 -6.30 -6.49
N ASP B 41 13.82 -6.48 -5.22
CA ASP B 41 13.23 -5.65 -4.18
C ASP B 41 13.68 -4.21 -4.34
N ARG B 42 14.93 -4.02 -4.76
CA ARG B 42 15.49 -2.67 -4.95
C ARG B 42 14.74 -1.93 -6.07
N CYS B 43 14.21 -2.69 -7.03
CA CYS B 43 13.45 -2.11 -8.15
C CYS B 43 12.18 -1.50 -7.57
N CYS B 44 11.61 -2.21 -6.61
CA CYS B 44 10.37 -1.78 -5.97
C CYS B 44 10.54 -0.61 -5.01
N GLN B 45 11.68 -0.53 -4.36
CA GLN B 45 11.93 0.58 -3.44
C GLN B 45 11.98 1.80 -4.34
N VAL B 46 12.78 1.72 -5.40
CA VAL B 46 12.92 2.83 -6.36
C VAL B 46 11.53 3.23 -6.85
N HIS B 47 10.71 2.23 -7.17
CA HIS B 47 9.37 2.51 -7.66
C HIS B 47 8.55 3.26 -6.64
N ASP B 48 8.77 2.97 -5.36
CA ASP B 48 8.03 3.65 -4.33
C ASP B 48 8.48 5.08 -4.27
N ASN B 49 9.78 5.30 -4.29
CA ASN B 49 10.30 6.66 -4.25
C ASN B 49 9.64 7.45 -5.37
N CYS B 50 9.72 6.89 -6.57
CA CYS B 50 9.15 7.49 -7.76
C CYS B 50 7.72 7.95 -7.55
N TYR B 51 6.89 7.08 -6.99
CA TYR B 51 5.49 7.38 -6.72
C TYR B 51 5.40 8.51 -5.72
N ASN B 52 6.36 8.54 -4.80
CA ASN B 52 6.41 9.55 -3.75
C ASN B 52 6.67 10.93 -4.33
N GLU B 53 7.38 10.98 -5.45
CA GLU B 53 7.64 12.24 -6.09
C GLU B 53 6.40 12.60 -6.89
N ALA B 54 5.95 11.68 -7.72
CA ALA B 54 4.77 11.88 -8.55
C ALA B 54 3.60 12.44 -7.74
N GLU B 55 3.59 12.21 -6.44
CA GLU B 55 2.52 12.72 -5.57
C GLU B 55 2.71 14.19 -5.18
N LYS B 56 3.88 14.75 -5.45
CA LYS B 56 4.09 16.16 -5.14
C LYS B 56 3.27 16.99 -6.11
N ILE B 57 2.94 16.42 -7.27
CA ILE B 57 2.14 17.14 -8.25
C ILE B 57 0.75 17.27 -7.63
N SER B 58 0.12 18.43 -7.77
CA SER B 58 -1.19 18.64 -7.17
C SER B 58 -2.29 17.67 -7.64
N GLY B 59 -2.92 17.00 -6.67
CA GLY B 59 -4.01 16.07 -6.95
C GLY B 59 -3.68 14.86 -7.81
N CYS B 60 -2.44 14.39 -7.69
CA CYS B 60 -1.96 13.25 -8.48
C CYS B 60 -1.98 11.93 -7.70
N ASN B 61 -3.00 11.11 -7.94
CA ASN B 61 -3.09 9.81 -7.28
C ASN B 61 -2.53 8.72 -8.21
N PRO B 62 -1.23 8.39 -8.11
CA PRO B 62 -0.60 7.38 -8.96
C PRO B 62 -1.48 6.15 -9.17
N ARG B 63 -1.90 5.55 -8.06
CA ARG B 63 -2.73 4.34 -8.07
C ARG B 63 -4.04 4.44 -8.87
N PHE B 64 -4.48 5.66 -9.18
CA PHE B 64 -5.71 5.85 -9.91
C PHE B 64 -5.52 6.59 -11.23
N ARG B 65 -4.54 7.47 -11.28
CA ARG B 65 -4.28 8.23 -12.50
C ARG B 65 -4.15 7.31 -13.71
N THR B 66 -5.16 7.28 -14.57
CA THR B 66 -5.10 6.46 -15.77
C THR B 66 -4.23 7.19 -16.78
N TYR B 67 -3.17 6.54 -17.27
CA TYR B 67 -2.31 7.19 -18.27
C TYR B 67 -2.46 6.58 -19.65
N SER B 68 -1.65 7.06 -20.60
CA SER B 68 -1.70 6.64 -21.99
C SER B 68 -0.46 5.84 -22.43
N TYR B 69 -0.53 4.52 -22.42
CA TYR B 69 0.64 3.75 -22.83
C TYR B 69 0.40 2.71 -23.91
N GLU B 70 1.47 2.07 -24.34
CA GLU B 70 1.40 1.09 -25.39
C GLU B 70 2.45 0.00 -25.22
N CYS B 71 2.02 -1.25 -25.26
CA CYS B 71 2.94 -2.38 -25.15
C CYS B 71 2.98 -3.06 -26.51
N THR B 72 4.12 -2.95 -27.17
CA THR B 72 4.30 -3.53 -28.48
C THR B 72 5.38 -4.61 -28.45
N ALA B 73 4.97 -5.86 -28.69
CA ALA B 73 5.87 -7.00 -28.69
C ALA B 73 7.02 -6.81 -27.70
N GLY B 74 6.67 -6.58 -26.44
CA GLY B 74 7.68 -6.40 -25.41
C GLY B 74 8.12 -4.97 -25.09
N THR B 75 7.90 -4.04 -26.01
CA THR B 75 8.33 -2.67 -25.79
C THR B 75 7.27 -1.74 -25.18
N LEU B 76 7.51 -1.26 -23.96
CA LEU B 76 6.61 -0.34 -23.27
C LEU B 76 6.85 1.12 -23.69
N THR B 77 5.77 1.85 -23.94
CA THR B 77 5.92 3.25 -24.33
C THR B 77 4.82 4.13 -23.76
N CYS B 78 5.23 5.22 -23.08
CA CYS B 78 4.28 6.17 -22.53
C CYS B 78 4.09 7.22 -23.62
N THR B 79 2.92 7.25 -24.24
CA THR B 79 2.70 8.25 -25.27
C THR B 79 2.68 9.64 -24.67
N GLY B 80 2.66 10.66 -25.52
CA GLY B 80 2.68 12.03 -25.03
C GLY B 80 1.35 12.63 -24.64
N ARG B 81 0.26 11.86 -24.75
CA ARG B 81 -1.08 12.33 -24.42
C ARG B 81 -1.34 12.47 -22.92
N ASN B 82 -0.31 12.26 -22.09
CA ASN B 82 -0.47 12.33 -20.65
C ASN B 82 -0.12 13.68 -20.05
N ASN B 83 -0.80 14.05 -18.95
CA ASN B 83 -0.51 15.32 -18.27
C ASN B 83 0.66 15.09 -17.31
N ALA B 84 1.25 16.17 -16.81
CA ALA B 84 2.39 16.08 -15.89
C ALA B 84 2.26 14.91 -14.93
N CYS B 85 1.06 14.71 -14.41
CA CYS B 85 0.82 13.62 -13.47
C CYS B 85 0.86 12.29 -14.17
N ALA B 86 -0.07 12.07 -15.09
CA ALA B 86 -0.13 10.83 -15.85
C ALA B 86 1.25 10.54 -16.43
N ALA B 87 1.87 11.55 -17.02
CA ALA B 87 3.20 11.45 -17.63
C ALA B 87 4.21 10.88 -16.64
N SER B 88 4.26 11.47 -15.46
CA SER B 88 5.17 11.02 -14.40
C SER B 88 4.83 9.58 -14.03
N VAL B 89 3.61 9.38 -13.54
CA VAL B 89 3.15 8.04 -13.14
C VAL B 89 3.48 6.99 -14.18
N CYS B 90 3.19 7.28 -15.45
CA CYS B 90 3.47 6.29 -16.48
C CYS B 90 4.94 5.92 -16.50
N ASP B 91 5.80 6.90 -16.32
CA ASP B 91 7.24 6.66 -16.32
C ASP B 91 7.67 5.86 -15.11
N CYS B 92 7.04 6.10 -13.96
CA CYS B 92 7.38 5.34 -12.75
C CYS B 92 7.09 3.85 -13.01
N ASP B 93 5.93 3.57 -13.60
CA ASP B 93 5.56 2.18 -13.87
C ASP B 93 6.40 1.52 -14.97
N ARG B 94 6.67 2.25 -16.05
CA ARG B 94 7.45 1.71 -17.15
C ARG B 94 8.83 1.28 -16.67
N LEU B 95 9.58 2.19 -16.06
CA LEU B 95 10.93 1.87 -15.55
C LEU B 95 10.91 0.77 -14.49
N ALA B 96 9.78 0.57 -13.85
CA ALA B 96 9.69 -0.48 -12.85
C ALA B 96 9.48 -1.83 -13.54
N ALA B 97 8.59 -1.90 -14.53
CA ALA B 97 8.31 -3.15 -15.26
C ALA B 97 9.51 -3.66 -16.04
N ILE B 98 10.46 -2.78 -16.33
CA ILE B 98 11.65 -3.16 -17.07
C ILE B 98 12.70 -3.62 -16.06
N CYS B 99 12.62 -3.04 -14.88
CA CYS B 99 13.54 -3.34 -13.80
C CYS B 99 13.27 -4.73 -13.25
N PHE B 100 12.01 -5.15 -13.27
CA PHE B 100 11.65 -6.48 -12.78
C PHE B 100 12.15 -7.50 -13.81
N ALA B 101 11.93 -7.20 -15.09
CA ALA B 101 12.35 -8.09 -16.16
C ALA B 101 13.85 -8.31 -16.14
N GLY B 102 14.58 -7.34 -15.62
CA GLY B 102 16.02 -7.47 -15.58
C GLY B 102 16.49 -8.27 -14.38
N ALA B 103 15.80 -8.12 -13.26
CA ALA B 103 16.17 -8.82 -12.01
C ALA B 103 15.68 -10.28 -11.95
N PRO B 104 16.38 -11.11 -11.17
CA PRO B 104 16.07 -12.54 -10.99
C PRO B 104 15.11 -12.74 -9.81
N TYR B 105 14.16 -13.66 -9.98
CA TYR B 105 13.17 -13.93 -8.96
C TYR B 105 13.60 -14.99 -7.93
N ASN B 106 13.81 -14.54 -6.68
CA ASN B 106 14.20 -15.42 -5.57
C ASN B 106 12.93 -15.92 -4.86
N ASP B 107 12.41 -17.08 -5.25
CA ASP B 107 11.19 -17.61 -4.61
C ASP B 107 11.22 -17.50 -3.09
N ASN B 108 12.39 -17.68 -2.47
CA ASN B 108 12.46 -17.59 -1.01
C ASN B 108 12.37 -16.17 -0.47
N ASN B 109 12.08 -15.22 -1.34
CA ASN B 109 11.93 -13.83 -0.94
C ASN B 109 10.50 -13.38 -1.15
N TYR B 110 9.64 -14.32 -1.55
CA TYR B 110 8.24 -14.04 -1.75
C TYR B 110 7.54 -14.23 -0.43
N ASN B 111 6.79 -13.22 -0.01
CA ASN B 111 6.06 -13.32 1.25
C ASN B 111 6.94 -13.72 2.43
N ILE B 112 8.01 -12.96 2.66
CA ILE B 112 8.91 -13.22 3.76
C ILE B 112 8.28 -12.70 5.04
N ASP B 113 8.99 -12.83 6.15
CA ASP B 113 8.47 -12.34 7.41
C ASP B 113 8.95 -10.90 7.52
N LEU B 114 8.04 -9.97 7.29
CA LEU B 114 8.35 -8.55 7.33
C LEU B 114 8.99 -8.10 8.63
N GLN B 115 8.37 -8.47 9.75
CA GLN B 115 8.89 -8.07 11.05
C GLN B 115 10.35 -8.47 11.25
N ALA B 116 10.64 -9.76 11.07
CA ALA B 116 11.99 -10.29 11.23
C ALA B 116 13.04 -9.69 10.29
N ARG B 117 12.68 -9.51 9.03
CA ARG B 117 13.61 -9.01 8.02
C ARG B 117 13.55 -7.55 7.51
N CYS B 118 12.60 -6.74 7.96
CA CYS B 118 12.56 -5.37 7.42
C CYS B 118 12.62 -4.15 8.33
N ASN B 119 12.82 -4.33 9.63
CA ASN B 119 12.86 -3.16 10.51
C ASN B 119 14.14 -2.36 10.28
N LEU C 1 -8.09 -0.21 -5.27
CA LEU C 1 -6.88 0.10 -6.08
C LEU C 1 -6.20 0.60 -4.77
N VAL C 2 -4.95 0.36 -4.34
CA VAL C 2 -4.13 0.97 -3.36
C VAL C 2 -2.87 0.18 -3.52
N PHE C 3 -1.67 -0.20 -3.11
CA PHE C 3 -1.21 -1.53 -3.34
C PHE C 3 -0.39 -1.60 -4.60
N PHE C 4 0.90 -2.01 -4.58
CA PHE C 4 1.70 -2.78 -5.47
C PHE C 4 2.13 -1.73 -6.50
N ALA C 5 3.52 -1.22 -6.05
CA ALA C 5 4.77 -0.64 -6.40
C ALA C 5 6.04 -1.48 -6.50
#